data_8XA4
#
_entry.id   8XA4
#
_cell.length_a   1.00
_cell.length_b   1.00
_cell.length_c   1.00
_cell.angle_alpha   90.00
_cell.angle_beta   90.00
_cell.angle_gamma   90.00
#
_symmetry.space_group_name_H-M   'P 1'
#
loop_
_entity.id
_entity.type
_entity.pdbx_description
1 polymer 'Protein OPG161'
2 polymer 'Heavy chain of mAb981'
3 polymer 'Light chain of mAb981'
#
loop_
_entity_poly.entity_id
_entity_poly.type
_entity_poly.pdbx_seq_one_letter_code
_entity_poly.pdbx_strand_id
1 'polypeptide(L)'
;MMTPENDEEQTSVFSATVYGDKIQGKNKRKRVIGLCIRISMVISLLSMITMSAFLIVRLNQCMSANEAAITDSAVAVAAA
SSTHRKVASSTTQYDHKESCNGLYYQGSCYILHSDYKSFEDAKANCAAESSTLPNKSDVLTTWLIDYVEDTWGSDGNPIT
KTTSDYQDSDVSQEVRKYFCT
;
A,B
2 'polypeptide(L)'
;QLQLQESGPGLVKPSETLSLTCTVSGGSISSNNDYWGWIRQPPGKGLEWIGSIYYSGRTNGNPSLKSRVNISADTSKNQF
SLKLNSVTAADTAVYYCARLRLGSLLHRYRAVDPWGQGILVAVSS
;
C
3 'polypeptide(L)'
;EIVLTQSPGTLSLSPGERVTLSCRASQRVSSTYLAWYQQKPGQAPRLLIYGASSRATGIPDRFSGSGSGTDFTLTISRLE
PEDFAVYYCQHFDSSLLTFGGGTKVEIK
;
D
#
# COMPACT_ATOMS: atom_id res chain seq x y z
N SER A 99 -2.80 -24.64 -22.11
CA SER A 99 -4.26 -24.70 -22.42
C SER A 99 -5.08 -24.97 -21.17
N CYS A 100 -4.72 -24.31 -20.07
CA CYS A 100 -5.40 -24.42 -18.79
C CYS A 100 -5.86 -23.05 -18.33
N ASN A 101 -6.73 -23.05 -17.32
CA ASN A 101 -7.36 -21.82 -16.83
C ASN A 101 -6.42 -21.15 -15.82
N GLY A 102 -5.30 -20.67 -16.34
CA GLY A 102 -4.31 -20.04 -15.47
C GLY A 102 -3.08 -19.63 -16.25
N LEU A 103 -1.92 -19.81 -15.62
CA LEU A 103 -0.64 -19.43 -16.19
C LEU A 103 0.15 -20.67 -16.55
N TYR A 104 0.72 -20.68 -17.75
CA TYR A 104 1.49 -21.80 -18.26
C TYR A 104 2.95 -21.39 -18.40
N TYR A 105 3.84 -22.16 -17.79
CA TYR A 105 5.28 -21.96 -17.93
C TYR A 105 5.98 -23.30 -17.88
N GLN A 106 6.65 -23.67 -18.97
CA GLN A 106 7.42 -24.90 -19.03
C GLN A 106 6.58 -26.09 -18.57
N GLY A 107 5.34 -26.12 -19.03
CA GLY A 107 4.45 -27.23 -18.75
C GLY A 107 3.58 -27.03 -17.53
N SER A 108 4.19 -26.72 -16.39
CA SER A 108 3.44 -26.59 -15.16
C SER A 108 2.36 -25.53 -15.30
N CYS A 109 1.16 -25.85 -14.83
CA CYS A 109 0.02 -24.94 -14.87
C CYS A 109 -0.29 -24.46 -13.46
N TYR A 110 -0.49 -23.16 -13.33
CA TYR A 110 -0.76 -22.52 -12.05
C TYR A 110 -2.20 -22.02 -12.05
N ILE A 111 -2.96 -22.42 -11.03
CA ILE A 111 -4.38 -22.08 -10.91
C ILE A 111 -4.53 -21.20 -9.67
N LEU A 112 -5.14 -20.03 -9.85
CA LEU A 112 -5.30 -19.09 -8.75
C LEU A 112 -6.50 -19.44 -7.89
N HIS A 113 -6.33 -19.29 -6.58
CA HIS A 113 -7.43 -19.37 -5.62
C HIS A 113 -7.52 -18.03 -4.91
N SER A 114 -8.67 -17.38 -5.03
CA SER A 114 -8.84 -16.02 -4.53
C SER A 114 -9.33 -15.96 -3.09
N ASP A 115 -9.62 -17.09 -2.47
CA ASP A 115 -10.09 -17.12 -1.10
C ASP A 115 -8.88 -17.16 -0.17
N TYR A 116 -8.76 -16.15 0.68
CA TYR A 116 -7.62 -16.06 1.59
C TYR A 116 -7.57 -17.26 2.51
N LYS A 117 -6.40 -17.89 2.60
CA LYS A 117 -6.19 -19.05 3.45
C LYS A 117 -4.78 -18.99 4.04
N SER A 118 -4.59 -19.70 5.15
CA SER A 118 -3.29 -19.79 5.77
C SER A 118 -2.37 -20.68 4.93
N PHE A 119 -1.15 -20.89 5.43
CA PHE A 119 -0.22 -21.74 4.71
C PHE A 119 -0.65 -23.21 4.76
N GLU A 120 -1.01 -23.69 5.96
CA GLU A 120 -1.39 -25.08 6.10
C GLU A 120 -2.67 -25.38 5.31
N ASP A 121 -3.66 -24.48 5.39
CA ASP A 121 -4.89 -24.68 4.63
C ASP A 121 -4.62 -24.63 3.13
N ALA A 122 -3.75 -23.72 2.70
CA ALA A 122 -3.42 -23.65 1.28
C ALA A 122 -2.77 -24.95 0.80
N LYS A 123 -1.83 -25.47 1.59
CA LYS A 123 -1.19 -26.73 1.22
C LYS A 123 -2.22 -27.86 1.19
N ALA A 124 -3.13 -27.89 2.16
CA ALA A 124 -4.13 -28.94 2.20
C ALA A 124 -5.02 -28.88 0.96
N ASN A 125 -5.48 -27.69 0.59
CA ASN A 125 -6.32 -27.56 -0.59
C ASN A 125 -5.57 -27.97 -1.86
N CYS A 126 -4.32 -27.51 -1.98
CA CYS A 126 -3.55 -27.83 -3.18
C CYS A 126 -3.32 -29.34 -3.28
N ALA A 127 -3.02 -29.99 -2.15
CA ALA A 127 -2.85 -31.43 -2.16
C ALA A 127 -4.16 -32.13 -2.50
N ALA A 128 -5.28 -31.62 -1.99
CA ALA A 128 -6.57 -32.20 -2.33
C ALA A 128 -6.84 -32.11 -3.82
N GLU A 129 -6.33 -31.08 -4.48
CA GLU A 129 -6.46 -30.94 -5.92
C GLU A 129 -5.29 -31.57 -6.66
N SER A 130 -4.57 -32.51 -6.04
CA SER A 130 -3.41 -33.15 -6.64
C SER A 130 -2.44 -32.11 -7.19
N SER A 131 -1.96 -31.25 -6.30
CA SER A 131 -1.08 -30.16 -6.69
C SER A 131 -0.29 -29.71 -5.47
N THR A 132 0.78 -28.96 -5.73
CA THR A 132 1.65 -28.44 -4.69
C THR A 132 1.90 -26.96 -4.93
N LEU A 133 2.20 -26.24 -3.86
CA LEU A 133 2.40 -24.80 -3.96
C LEU A 133 3.66 -24.49 -4.75
N PRO A 134 3.72 -23.33 -5.40
CA PRO A 134 4.87 -23.03 -6.25
C PRO A 134 6.16 -22.90 -5.45
N ASN A 135 7.26 -23.27 -6.10
CA ASN A 135 8.59 -23.14 -5.52
C ASN A 135 9.19 -21.78 -5.89
N LYS A 136 9.90 -21.18 -4.95
CA LYS A 136 10.46 -19.85 -5.19
C LYS A 136 11.48 -19.86 -6.31
N SER A 137 12.29 -20.92 -6.40
CA SER A 137 13.37 -20.94 -7.38
C SER A 137 12.83 -20.86 -8.80
N ASP A 138 11.74 -21.57 -9.09
CA ASP A 138 11.25 -21.65 -10.46
C ASP A 138 10.61 -20.33 -10.91
N VAL A 139 10.23 -19.46 -9.98
CA VAL A 139 9.48 -18.25 -10.33
C VAL A 139 10.27 -16.97 -10.09
N LEU A 140 11.41 -17.03 -9.41
CA LEU A 140 12.11 -15.80 -9.04
C LEU A 140 12.56 -15.01 -10.26
N THR A 141 13.09 -15.70 -11.27
CA THR A 141 13.72 -15.05 -12.42
C THR A 141 12.82 -15.02 -13.64
N THR A 142 11.55 -15.36 -13.50
CA THR A 142 10.62 -15.42 -14.62
C THR A 142 9.52 -14.37 -14.43
N TRP A 143 8.76 -14.15 -15.50
CA TRP A 143 7.68 -13.16 -15.42
C TRP A 143 6.63 -13.56 -14.40
N LEU A 144 6.49 -14.87 -14.15
CA LEU A 144 5.47 -15.33 -13.21
C LEU A 144 5.53 -14.60 -11.89
N ILE A 145 6.72 -14.08 -11.52
CA ILE A 145 6.85 -13.41 -10.24
C ILE A 145 5.85 -12.28 -10.11
N ASP A 146 5.69 -11.50 -11.18
CA ASP A 146 4.81 -10.33 -11.11
C ASP A 146 3.39 -10.74 -10.71
N TYR A 147 3.00 -11.98 -10.99
CA TYR A 147 1.68 -12.45 -10.63
C TYR A 147 1.65 -13.11 -9.25
N VAL A 148 2.74 -13.77 -8.86
CA VAL A 148 2.74 -14.60 -7.66
C VAL A 148 3.39 -13.90 -6.47
N GLU A 149 3.67 -12.61 -6.59
CA GLU A 149 4.19 -11.87 -5.45
C GLU A 149 3.13 -11.79 -4.37
N ASP A 150 3.56 -11.93 -3.11
CA ASP A 150 2.65 -11.93 -1.97
C ASP A 150 1.65 -13.08 -2.04
N THR A 151 2.06 -14.20 -2.63
CA THR A 151 1.30 -15.44 -2.61
C THR A 151 2.16 -16.54 -2.03
N TRP A 152 1.51 -17.55 -1.48
CA TRP A 152 2.21 -18.55 -0.69
C TRP A 152 3.14 -19.39 -1.57
N GLY A 153 4.20 -19.90 -0.95
CA GLY A 153 5.13 -20.80 -1.59
C GLY A 153 5.32 -22.06 -0.78
N SER A 154 6.04 -23.02 -1.37
CA SER A 154 6.24 -24.29 -0.71
C SER A 154 7.09 -24.15 0.55
N ASP A 155 8.04 -23.21 0.54
CA ASP A 155 8.95 -23.05 1.67
C ASP A 155 8.24 -22.58 2.93
N GLY A 156 7.00 -22.11 2.81
CA GLY A 156 6.23 -21.66 3.96
C GLY A 156 6.25 -20.17 4.18
N ASN A 157 6.81 -19.40 3.26
CA ASN A 157 6.86 -17.96 3.37
C ASN A 157 6.31 -17.32 2.11
N PRO A 158 5.72 -16.13 2.19
CA PRO A 158 5.24 -15.47 0.98
C PRO A 158 6.36 -15.21 0.00
N ILE A 159 6.04 -15.29 -1.29
CA ILE A 159 7.05 -15.09 -2.31
C ILE A 159 7.39 -13.60 -2.40
N THR A 160 8.68 -13.29 -2.32
CA THR A 160 9.17 -11.93 -2.41
C THR A 160 10.35 -11.89 -3.36
N LYS A 161 10.45 -10.78 -4.12
CA LYS A 161 11.46 -10.71 -5.18
C LYS A 161 12.87 -10.76 -4.62
N THR A 162 13.10 -10.24 -3.41
CA THR A 162 14.43 -10.22 -2.85
C THR A 162 15.02 -11.62 -2.76
N THR A 163 16.27 -11.76 -3.22
CA THR A 163 16.94 -13.05 -3.13
C THR A 163 17.15 -13.47 -1.68
N SER A 164 17.60 -12.54 -0.84
CA SER A 164 17.80 -12.79 0.58
C SER A 164 17.14 -11.67 1.36
N ASP A 165 16.29 -12.03 2.31
CA ASP A 165 15.58 -11.04 3.13
C ASP A 165 15.43 -11.57 4.54
N TYR A 166 15.30 -10.64 5.49
CA TYR A 166 15.10 -11.02 6.88
C TYR A 166 13.80 -11.81 7.03
N GLN A 167 13.87 -12.91 7.77
CA GLN A 167 12.72 -13.79 7.97
C GLN A 167 11.97 -13.33 9.22
N ASP A 168 10.74 -12.84 9.02
CA ASP A 168 9.93 -12.42 10.16
C ASP A 168 9.62 -13.59 11.08
N SER A 169 9.30 -14.75 10.51
CA SER A 169 8.99 -15.99 11.22
C SER A 169 7.59 -15.95 11.84
N ASP A 170 6.89 -14.82 11.77
CA ASP A 170 5.53 -14.71 12.29
C ASP A 170 4.49 -14.88 11.18
N VAL A 171 4.84 -15.59 10.10
CA VAL A 171 3.91 -15.77 8.99
C VAL A 171 2.79 -16.74 9.35
N SER A 172 2.80 -17.29 10.56
CA SER A 172 1.78 -18.27 10.92
C SER A 172 0.39 -17.66 10.88
N GLN A 173 0.24 -16.44 11.38
CA GLN A 173 -1.07 -15.81 11.48
C GLN A 173 -1.45 -15.00 10.25
N GLU A 174 -0.61 -14.98 9.22
CA GLU A 174 -0.93 -14.24 8.00
C GLU A 174 -1.76 -15.10 7.05
N VAL A 175 -2.60 -14.44 6.26
CA VAL A 175 -3.45 -15.10 5.27
C VAL A 175 -3.22 -14.44 3.92
N ARG A 176 -2.96 -15.24 2.90
CA ARG A 176 -2.71 -14.74 1.56
C ARG A 176 -3.22 -15.74 0.54
N LYS A 177 -3.41 -15.26 -0.69
CA LYS A 177 -3.84 -16.13 -1.77
C LYS A 177 -2.73 -17.08 -2.17
N TYR A 178 -3.11 -18.17 -2.83
CA TYR A 178 -2.17 -19.22 -3.19
C TYR A 178 -2.41 -19.70 -4.61
N PHE A 179 -1.36 -20.26 -5.21
CA PHE A 179 -1.41 -20.87 -6.52
C PHE A 179 -1.14 -22.36 -6.39
N CYS A 180 -1.77 -23.14 -7.27
CA CYS A 180 -1.43 -24.55 -7.44
C CYS A 180 -2.28 -25.19 -8.51
N SER B 99 4.87 -18.58 -27.81
CA SER B 99 3.51 -18.60 -27.20
C SER B 99 3.28 -17.36 -26.33
N CYS B 100 2.02 -17.12 -25.99
CA CYS B 100 1.69 -15.97 -25.16
C CYS B 100 2.41 -16.05 -23.82
N ASN B 101 3.02 -14.94 -23.42
CA ASN B 101 3.76 -14.85 -22.18
C ASN B 101 2.88 -14.45 -21.00
N GLY B 102 1.57 -14.62 -21.12
CA GLY B 102 0.64 -14.27 -20.07
C GLY B 102 -0.62 -15.10 -20.15
N LEU B 103 -1.76 -14.45 -19.99
CA LEU B 103 -3.04 -15.13 -20.02
C LEU B 103 -3.51 -15.34 -21.45
N TYR B 104 -4.46 -16.27 -21.62
CA TYR B 104 -5.01 -16.60 -22.93
C TYR B 104 -6.49 -16.92 -22.78
N TYR B 105 -7.30 -16.44 -23.70
CA TYR B 105 -8.74 -16.70 -23.65
C TYR B 105 -9.33 -16.42 -25.03
N GLN B 106 -9.78 -17.46 -25.72
CA GLN B 106 -10.26 -17.41 -27.11
C GLN B 106 -9.43 -16.41 -27.92
N GLY B 107 -8.14 -16.73 -28.04
CA GLY B 107 -7.29 -16.04 -28.98
C GLY B 107 -7.07 -14.57 -28.69
N SER B 108 -7.01 -14.20 -27.41
CA SER B 108 -6.60 -12.86 -27.00
C SER B 108 -5.57 -13.01 -25.90
N CYS B 109 -4.33 -12.61 -26.20
CA CYS B 109 -3.21 -12.79 -25.28
C CYS B 109 -3.03 -11.52 -24.47
N TYR B 110 -3.14 -11.64 -23.15
CA TYR B 110 -3.05 -10.52 -22.24
C TYR B 110 -1.67 -10.50 -21.59
N ILE B 111 -0.98 -9.38 -21.71
CA ILE B 111 0.36 -9.21 -21.17
C ILE B 111 0.31 -8.14 -20.09
N LEU B 112 0.86 -8.45 -18.92
CA LEU B 112 0.82 -7.53 -17.79
C LEU B 112 1.95 -6.51 -17.90
N HIS B 113 1.67 -5.30 -17.43
CA HIS B 113 2.67 -4.26 -17.25
C HIS B 113 2.64 -3.84 -15.78
N SER B 114 3.65 -4.26 -15.02
CA SER B 114 3.61 -4.07 -13.58
C SER B 114 3.64 -2.59 -13.20
N ASP B 115 4.40 -1.78 -13.93
CA ASP B 115 4.57 -0.39 -13.57
C ASP B 115 3.22 0.33 -13.48
N TYR B 116 3.06 1.12 -12.44
CA TYR B 116 1.85 1.92 -12.26
C TYR B 116 1.89 3.13 -13.19
N LYS B 117 0.77 3.39 -13.88
CA LYS B 117 0.67 4.53 -14.77
C LYS B 117 -0.77 5.02 -14.80
N SER B 118 -0.95 6.24 -15.29
CA SER B 118 -2.28 6.83 -15.38
C SER B 118 -3.06 6.17 -16.52
N PHE B 119 -4.30 6.63 -16.71
CA PHE B 119 -5.13 6.07 -17.77
C PHE B 119 -4.61 6.46 -19.14
N GLU B 120 -4.31 7.74 -19.36
CA GLU B 120 -3.85 8.17 -20.68
C GLU B 120 -2.48 7.58 -20.99
N ASP B 121 -1.60 7.49 -19.98
CA ASP B 121 -0.32 6.85 -20.19
C ASP B 121 -0.50 5.39 -20.58
N ALA B 122 -1.43 4.70 -19.92
CA ALA B 122 -1.69 3.31 -20.26
C ALA B 122 -2.21 3.19 -21.69
N LYS B 123 -3.12 4.08 -22.08
CA LYS B 123 -3.65 4.03 -23.43
C LYS B 123 -2.55 4.26 -24.47
N ALA B 124 -1.68 5.24 -24.22
CA ALA B 124 -0.61 5.52 -25.15
C ALA B 124 0.35 4.34 -25.25
N ASN B 125 0.74 3.77 -24.12
CA ASN B 125 1.65 2.63 -24.14
C ASN B 125 1.01 1.44 -24.85
N CYS B 126 -0.29 1.22 -24.61
CA CYS B 126 -0.98 0.13 -25.30
C CYS B 126 -0.98 0.35 -26.81
N ALA B 127 -1.26 1.59 -27.23
CA ALA B 127 -1.23 1.90 -28.66
C ALA B 127 0.16 1.70 -29.23
N ALA B 128 1.21 1.92 -28.42
CA ALA B 128 2.56 1.73 -28.91
C ALA B 128 2.80 0.27 -29.30
N GLU B 129 2.29 -0.66 -28.50
CA GLU B 129 2.48 -2.08 -28.75
C GLU B 129 1.35 -2.69 -29.58
N SER B 130 0.65 -1.87 -30.37
CA SER B 130 -0.40 -2.35 -31.27
C SER B 130 -1.39 -3.24 -30.51
N SER B 131 -1.81 -2.80 -29.33
CA SER B 131 -2.77 -3.52 -28.52
C SER B 131 -3.66 -2.53 -27.79
N THR B 132 -4.79 -3.03 -27.31
CA THR B 132 -5.78 -2.20 -26.64
C THR B 132 -6.08 -2.75 -25.25
N LEU B 133 -6.51 -1.88 -24.36
CA LEU B 133 -6.80 -2.26 -22.99
C LEU B 133 -8.03 -3.17 -22.94
N PRO B 134 -8.15 -3.98 -21.89
CA PRO B 134 -9.28 -4.91 -21.82
C PRO B 134 -10.61 -4.19 -21.71
N ASN B 135 -11.63 -4.80 -22.29
CA ASN B 135 -13.00 -4.31 -22.18
C ASN B 135 -13.67 -4.96 -20.99
N LYS B 136 -14.42 -4.16 -20.22
CA LYS B 136 -15.07 -4.68 -19.02
C LYS B 136 -16.04 -5.80 -19.37
N SER B 137 -16.86 -5.62 -20.40
CA SER B 137 -17.83 -6.64 -20.77
C SER B 137 -17.13 -7.92 -21.17
N ASP B 138 -16.03 -7.81 -21.92
CA ASP B 138 -15.33 -9.02 -22.38
C ASP B 138 -14.90 -9.88 -21.20
N VAL B 139 -14.51 -9.26 -20.09
CA VAL B 139 -14.09 -9.98 -18.89
C VAL B 139 -14.94 -9.46 -17.72
N LEU B 140 -16.09 -10.08 -17.52
CA LEU B 140 -16.93 -9.84 -16.36
C LEU B 140 -17.37 -11.13 -15.69
N THR B 141 -17.65 -12.18 -16.46
CA THR B 141 -18.10 -13.46 -15.94
C THR B 141 -17.01 -14.52 -15.96
N THR B 142 -15.86 -14.24 -16.56
CA THR B 142 -14.85 -15.25 -16.81
C THR B 142 -13.84 -15.31 -15.65
N TRP B 143 -12.95 -16.29 -15.74
CA TRP B 143 -11.96 -16.50 -14.68
C TRP B 143 -10.88 -15.44 -14.68
N LEU B 144 -10.71 -14.70 -15.78
CA LEU B 144 -9.69 -13.67 -15.82
C LEU B 144 -9.95 -12.53 -14.84
N ILE B 145 -11.18 -12.40 -14.35
CA ILE B 145 -11.54 -11.25 -13.54
C ILE B 145 -10.67 -11.18 -12.28
N ASP B 146 -10.46 -12.32 -11.64
CA ASP B 146 -9.65 -12.34 -10.42
C ASP B 146 -8.26 -11.76 -10.68
N TYR B 147 -7.74 -11.94 -11.90
CA TYR B 147 -6.43 -11.39 -12.24
C TYR B 147 -6.52 -9.92 -12.62
N VAL B 148 -7.65 -9.52 -13.23
CA VAL B 148 -7.76 -8.16 -13.78
C VAL B 148 -8.35 -7.17 -12.78
N GLU B 149 -8.77 -7.63 -11.61
CA GLU B 149 -9.36 -6.73 -10.63
C GLU B 149 -8.38 -5.62 -10.28
N ASP B 150 -8.91 -4.41 -10.14
CA ASP B 150 -8.09 -3.23 -9.85
C ASP B 150 -7.11 -2.94 -10.97
N THR B 151 -7.49 -3.24 -12.21
CA THR B 151 -6.68 -2.97 -13.39
C THR B 151 -7.49 -2.11 -14.35
N TRP B 152 -6.80 -1.23 -15.07
CA TRP B 152 -7.46 -0.29 -15.95
C TRP B 152 -8.24 -0.99 -17.05
N GLY B 153 -9.36 -0.38 -17.44
CA GLY B 153 -10.15 -0.86 -18.54
C GLY B 153 -10.36 0.24 -19.57
N SER B 154 -10.80 -0.18 -20.76
CA SER B 154 -10.98 0.78 -21.85
C SER B 154 -12.03 1.82 -21.51
N ASP B 155 -12.98 1.48 -20.65
CA ASP B 155 -14.05 2.41 -20.30
C ASP B 155 -13.55 3.63 -19.56
N GLY B 156 -12.31 3.61 -19.07
CA GLY B 156 -11.74 4.73 -18.36
C GLY B 156 -11.77 4.61 -16.85
N ASN B 157 -12.22 3.49 -16.31
CA ASN B 157 -12.33 3.27 -14.89
C ASN B 157 -11.76 1.90 -14.55
N PRO B 158 -11.36 1.69 -13.29
CA PRO B 158 -10.86 0.37 -12.89
C PRO B 158 -11.91 -0.70 -13.10
N ILE B 159 -11.46 -1.91 -13.43
CA ILE B 159 -12.35 -3.03 -13.66
C ILE B 159 -12.73 -3.64 -12.32
N THR B 160 -14.02 -3.57 -11.99
CA THR B 160 -14.54 -4.11 -10.74
C THR B 160 -15.69 -5.05 -11.05
N LYS B 161 -15.68 -6.22 -10.40
CA LYS B 161 -16.70 -7.22 -10.67
C LYS B 161 -18.09 -6.73 -10.30
N THR B 162 -18.21 -6.06 -9.15
CA THR B 162 -19.52 -5.60 -8.69
C THR B 162 -20.00 -4.45 -9.58
N THR B 163 -21.28 -4.52 -9.96
CA THR B 163 -21.87 -3.45 -10.77
C THR B 163 -21.75 -2.11 -10.07
N SER B 164 -21.86 -2.09 -8.74
CA SER B 164 -21.75 -0.85 -7.99
C SER B 164 -20.38 -0.23 -8.22
N ASP B 165 -20.37 1.07 -8.48
CA ASP B 165 -19.13 1.81 -8.68
C ASP B 165 -19.28 3.18 -8.03
N TYR B 166 -18.14 3.75 -7.64
CA TYR B 166 -18.11 5.07 -7.00
C TYR B 166 -18.08 6.15 -8.07
N GLN B 167 -19.22 6.28 -8.75
CA GLN B 167 -19.34 7.24 -9.85
C GLN B 167 -19.35 8.67 -9.30
N ASP B 168 -19.12 9.62 -10.20
CA ASP B 168 -19.03 11.05 -9.91
C ASP B 168 -17.75 11.42 -9.18
N SER B 169 -16.83 10.47 -9.02
CA SER B 169 -15.55 10.73 -8.36
C SER B 169 -14.47 10.77 -9.44
N ASP B 170 -13.67 11.84 -9.44
CA ASP B 170 -12.59 11.96 -10.39
C ASP B 170 -11.56 10.87 -10.13
N VAL B 171 -11.22 10.10 -11.17
CA VAL B 171 -10.28 9.00 -11.08
C VAL B 171 -9.09 9.21 -12.01
N SER B 172 -9.12 10.28 -12.80
CA SER B 172 -8.03 10.51 -13.76
C SER B 172 -6.70 10.69 -13.04
N GLN B 173 -6.72 11.16 -11.80
CA GLN B 173 -5.49 11.42 -11.06
C GLN B 173 -4.88 10.15 -10.46
N GLU B 174 -5.57 9.03 -10.54
CA GLU B 174 -5.08 7.79 -9.95
C GLU B 174 -4.16 7.06 -10.92
N VAL B 175 -3.43 6.08 -10.38
CA VAL B 175 -2.51 5.25 -11.14
C VAL B 175 -2.70 3.79 -10.74
N ARG B 176 -2.84 2.93 -11.74
CA ARG B 176 -3.08 1.50 -11.51
C ARG B 176 -2.36 0.70 -12.58
N LYS B 177 -2.20 -0.59 -12.30
CA LYS B 177 -1.64 -1.51 -13.28
C LYS B 177 -2.59 -1.69 -14.46
N TYR B 178 -2.02 -2.00 -15.63
CA TYR B 178 -2.79 -2.18 -16.84
C TYR B 178 -2.36 -3.43 -17.56
N PHE B 179 -3.31 -4.12 -18.18
CA PHE B 179 -3.10 -5.41 -18.82
C PHE B 179 -3.13 -5.26 -20.34
N CYS B 180 -1.98 -4.98 -20.93
CA CYS B 180 -1.80 -5.07 -22.38
C CYS B 180 -0.37 -4.71 -22.76
N GLN C 1 13.98 -7.14 5.95
CA GLN C 1 14.53 -5.97 6.69
C GLN C 1 14.75 -4.80 5.74
N LEU C 2 13.87 -3.80 5.83
CA LEU C 2 14.02 -2.56 5.06
C LEU C 2 13.98 -1.40 6.04
N GLN C 3 15.10 -0.70 6.17
CA GLN C 3 15.24 0.43 7.08
C GLN C 3 15.41 1.72 6.30
N LEU C 4 14.82 2.80 6.83
CA LEU C 4 14.88 4.11 6.22
C LEU C 4 15.54 5.08 7.20
N GLN C 5 16.56 5.79 6.74
CA GLN C 5 17.31 6.71 7.59
C GLN C 5 17.34 8.08 6.94
N GLU C 6 17.11 9.12 7.74
CA GLU C 6 17.02 10.49 7.26
C GLU C 6 18.30 11.23 7.59
N SER C 7 18.72 12.13 6.69
CA SER C 7 19.89 12.95 6.90
C SER C 7 19.62 14.35 6.36
N GLY C 8 20.03 15.36 7.11
CA GLY C 8 19.84 16.74 6.70
C GLY C 8 20.03 17.70 7.86
N PRO C 9 20.05 18.99 7.57
CA PRO C 9 20.21 19.99 8.62
C PRO C 9 18.92 20.17 9.42
N GLY C 10 19.07 20.82 10.57
CA GLY C 10 17.93 21.12 11.42
C GLY C 10 17.90 22.58 11.83
N LEU C 11 18.42 23.45 10.96
CA LEU C 11 18.53 24.87 11.26
C LEU C 11 18.14 25.70 10.03
N VAL C 12 17.13 25.23 9.29
CA VAL C 12 16.74 25.92 8.07
C VAL C 12 16.32 27.34 8.39
N LYS C 13 16.81 28.29 7.62
CA LYS C 13 16.53 29.70 7.83
C LYS C 13 15.23 30.09 7.14
N PRO C 14 14.53 31.11 7.62
CA PRO C 14 13.34 31.59 6.91
C PRO C 14 13.70 32.07 5.51
N SER C 15 12.77 31.84 4.57
CA SER C 15 12.96 32.20 3.17
C SER C 15 14.18 31.50 2.58
N GLU C 16 14.31 30.20 2.87
CA GLU C 16 15.36 29.37 2.32
C GLU C 16 14.78 28.00 1.99
N THR C 17 15.64 27.09 1.55
CA THR C 17 15.22 25.77 1.07
C THR C 17 15.75 24.69 2.00
N LEU C 18 14.86 23.81 2.45
CA LEU C 18 15.28 22.64 3.22
C LEU C 18 15.97 21.64 2.29
N SER C 19 16.76 20.75 2.89
CA SER C 19 17.46 19.70 2.15
C SER C 19 17.50 18.45 3.02
N LEU C 20 16.53 17.57 2.83
CA LEU C 20 16.46 16.30 3.55
C LEU C 20 16.57 15.15 2.57
N THR C 21 17.43 14.19 2.87
CA THR C 21 17.63 13.03 2.02
C THR C 21 17.44 11.77 2.86
N CYS C 22 16.59 10.87 2.39
CA CYS C 22 16.35 9.60 3.04
C CYS C 22 16.97 8.48 2.22
N THR C 23 17.75 7.64 2.89
CA THR C 23 18.42 6.49 2.29
C THR C 23 17.85 5.21 2.88
N VAL C 24 17.67 4.20 2.03
CA VAL C 24 17.08 2.93 2.44
C VAL C 24 18.15 1.86 2.41
N SER C 25 18.25 1.10 3.50
CA SER C 25 19.13 -0.05 3.61
C SER C 25 18.29 -1.32 3.67
N GLY C 26 18.79 -2.37 3.02
CA GLY C 26 18.06 -3.63 2.97
C GLY C 26 17.04 -3.73 1.88
N GLY C 27 16.97 -2.75 0.98
CA GLY C 27 16.03 -2.80 -0.12
C GLY C 27 16.47 -1.86 -1.22
N SER C 28 15.71 -1.89 -2.31
CA SER C 28 15.99 -1.06 -3.48
C SER C 28 14.83 -0.10 -3.70
N ILE C 29 15.15 1.17 -3.92
CA ILE C 29 14.10 2.16 -4.17
C ILE C 29 13.34 1.82 -5.43
N SER C 30 13.95 1.06 -6.33
CA SER C 30 13.26 0.59 -7.53
C SER C 30 12.32 -0.53 -7.14
N SER C 31 11.13 -0.15 -6.66
CA SER C 31 10.11 -1.12 -6.26
C SER C 31 8.82 -0.73 -6.97
N ASN C 32 8.40 -1.56 -7.92
CA ASN C 32 7.22 -1.24 -8.71
C ASN C 32 5.98 -1.14 -7.83
N ASN C 33 5.97 -1.83 -6.69
CA ASN C 33 4.77 -1.92 -5.88
C ASN C 33 4.71 -0.88 -4.77
N ASP C 34 5.71 0.00 -4.64
CA ASP C 34 5.76 0.95 -3.55
C ASP C 34 6.21 2.33 -4.03
N TYR C 35 5.57 3.36 -3.50
CA TYR C 35 6.05 4.74 -3.61
C TYR C 35 6.87 5.09 -2.37
N TRP C 36 7.59 6.21 -2.44
CA TRP C 36 8.39 6.67 -1.32
C TRP C 36 8.01 8.10 -1.01
N GLY C 37 7.60 8.38 0.23
CA GLY C 37 6.98 9.65 0.54
C GLY C 37 7.55 10.28 1.79
N TRP C 38 7.22 11.55 1.94
CA TRP C 38 7.57 12.36 3.10
C TRP C 38 6.30 12.78 3.81
N ILE C 39 6.27 12.60 5.12
CA ILE C 39 5.14 12.96 5.97
C ILE C 39 5.67 13.75 7.16
N ARG C 40 5.09 14.93 7.40
CA ARG C 40 5.56 15.82 8.45
C ARG C 40 4.54 15.87 9.58
N GLN C 41 5.04 15.79 10.81
CA GLN C 41 4.20 15.94 12.00
C GLN C 41 4.67 17.16 12.78
N PRO C 42 3.87 18.21 12.87
CA PRO C 42 4.24 19.31 13.75
C PRO C 42 4.26 18.85 15.20
N PRO C 43 5.09 19.46 16.03
CA PRO C 43 5.20 19.00 17.42
C PRO C 43 3.85 19.07 18.13
N GLY C 44 3.41 17.93 18.64
CA GLY C 44 2.15 17.87 19.36
C GLY C 44 0.93 18.17 18.51
N LYS C 45 0.90 17.68 17.27
CA LYS C 45 -0.24 17.86 16.40
C LYS C 45 -0.38 16.62 15.50
N GLY C 46 -1.41 16.62 14.67
CA GLY C 46 -1.67 15.49 13.81
C GLY C 46 -0.72 15.42 12.63
N LEU C 47 -0.73 14.26 11.97
CA LEU C 47 0.15 14.04 10.84
C LEU C 47 -0.35 14.78 9.61
N GLU C 48 0.59 15.09 8.71
CA GLU C 48 0.28 15.70 7.42
C GLU C 48 1.19 15.09 6.38
N TRP C 49 0.65 14.82 5.20
CA TRP C 49 1.36 14.15 4.13
C TRP C 49 1.92 15.21 3.19
N ILE C 50 3.24 15.36 3.17
CA ILE C 50 3.85 16.45 2.41
C ILE C 50 4.29 16.04 1.01
N GLY C 51 4.36 14.74 0.71
CA GLY C 51 4.53 14.36 -0.68
C GLY C 51 4.90 12.91 -0.85
N SER C 52 5.02 12.53 -2.12
CA SER C 52 5.38 11.17 -2.52
C SER C 52 6.10 11.21 -3.85
N ILE C 53 6.82 10.12 -4.16
CA ILE C 53 7.59 10.02 -5.38
C ILE C 53 7.61 8.56 -5.83
N TYR C 54 7.65 8.36 -7.14
CA TYR C 54 7.80 7.07 -7.77
C TYR C 54 9.16 7.02 -8.45
N TYR C 55 9.74 5.82 -8.53
CA TYR C 55 11.11 5.71 -9.02
C TYR C 55 11.22 6.26 -10.44
N SER C 56 10.14 6.19 -11.22
CA SER C 56 10.19 6.71 -12.58
C SER C 56 10.41 8.22 -12.58
N GLY C 57 9.74 8.94 -11.68
CA GLY C 57 9.88 10.38 -11.60
C GLY C 57 8.58 11.09 -11.30
N ARG C 58 7.48 10.35 -11.32
CA ARG C 58 6.18 10.96 -11.06
C ARG C 58 6.11 11.50 -9.63
N THR C 59 5.53 12.68 -9.49
CA THR C 59 5.44 13.38 -8.21
C THR C 59 3.97 13.66 -7.89
N ASN C 60 3.57 13.36 -6.66
CA ASN C 60 2.26 13.70 -6.15
C ASN C 60 2.43 14.43 -4.83
N GLY C 61 1.68 15.50 -4.63
CA GLY C 61 1.82 16.31 -3.44
C GLY C 61 0.50 16.92 -3.02
N ASN C 62 0.44 17.28 -1.75
CA ASN C 62 -0.77 17.86 -1.20
C ASN C 62 -0.94 19.26 -1.78
N PRO C 63 -2.13 19.63 -2.27
CA PRO C 63 -2.23 20.89 -3.02
C PRO C 63 -1.76 22.11 -2.25
N SER C 64 -2.04 22.18 -0.95
CA SER C 64 -1.65 23.36 -0.18
C SER C 64 -0.15 23.59 -0.22
N LEU C 65 0.64 22.54 -0.37
CA LEU C 65 2.08 22.64 -0.52
C LEU C 65 2.56 22.37 -1.94
N LYS C 66 1.64 22.12 -2.88
CA LYS C 66 2.04 21.72 -4.21
C LYS C 66 3.01 22.71 -4.84
N SER C 67 2.88 23.99 -4.50
CA SER C 67 3.72 25.01 -5.11
C SER C 67 5.17 24.93 -4.64
N ARG C 68 5.40 24.47 -3.41
CA ARG C 68 6.71 24.61 -2.78
C ARG C 68 7.47 23.30 -2.66
N VAL C 69 6.93 22.18 -3.14
CA VAL C 69 7.54 20.87 -2.92
C VAL C 69 8.17 20.40 -4.22
N ASN C 70 9.45 20.05 -4.17
CA ASN C 70 10.20 19.51 -5.30
C ASN C 70 10.93 18.26 -4.82
N ILE C 71 10.24 17.12 -4.85
CA ILE C 71 10.85 15.86 -4.45
C ILE C 71 11.67 15.30 -5.60
N SER C 72 12.74 14.61 -5.27
CA SER C 72 13.62 14.01 -6.27
C SER C 72 14.00 12.61 -5.82
N ALA C 73 14.32 11.76 -6.79
CA ALA C 73 14.76 10.40 -6.52
C ALA C 73 16.01 10.10 -7.34
N ASP C 74 16.97 9.44 -6.72
CA ASP C 74 18.20 9.01 -7.37
C ASP C 74 18.38 7.53 -7.11
N THR C 75 18.18 6.72 -8.15
CA THR C 75 18.23 5.27 -7.98
C THR C 75 19.65 4.76 -7.81
N SER C 76 20.61 5.38 -8.50
CA SER C 76 21.98 4.89 -8.43
C SER C 76 22.53 4.97 -7.02
N LYS C 77 22.34 6.10 -6.34
CA LYS C 77 22.71 6.23 -4.95
C LYS C 77 21.62 5.76 -4.00
N ASN C 78 20.43 5.47 -4.54
CA ASN C 78 19.36 4.83 -3.78
C ASN C 78 18.87 5.77 -2.67
N GLN C 79 18.63 7.03 -3.06
CA GLN C 79 18.32 8.11 -2.12
C GLN C 79 17.16 8.91 -2.66
N PHE C 80 16.21 9.28 -1.81
CA PHE C 80 15.15 10.19 -2.22
C PHE C 80 15.11 11.41 -1.31
N SER C 81 14.95 12.58 -1.91
CA SER C 81 15.16 13.84 -1.24
C SER C 81 13.96 14.75 -1.40
N LEU C 82 13.79 15.64 -0.43
CA LEU C 82 12.72 16.65 -0.41
C LEU C 82 13.34 18.03 -0.36
N LYS C 83 12.76 18.96 -1.12
CA LYS C 83 13.18 20.36 -1.13
C LYS C 83 11.95 21.22 -0.93
N LEU C 84 11.94 22.01 0.13
CA LEU C 84 10.83 22.90 0.46
C LEU C 84 11.34 24.33 0.47
N ASN C 85 10.82 25.15 -0.43
CA ASN C 85 11.24 26.54 -0.57
C ASN C 85 10.23 27.46 0.08
N SER C 86 10.63 28.73 0.23
CA SER C 86 9.81 29.74 0.89
C SER C 86 9.27 29.22 2.22
N VAL C 87 10.19 28.73 3.05
CA VAL C 87 9.80 28.17 4.34
C VAL C 87 9.28 29.26 5.25
N THR C 88 8.43 28.87 6.19
CA THR C 88 7.82 29.79 7.14
C THR C 88 7.83 29.10 8.50
N ALA C 89 7.68 29.90 9.56
CA ALA C 89 7.82 29.37 10.91
C ALA C 89 6.82 28.26 11.21
N ALA C 90 5.70 28.19 10.49
CA ALA C 90 4.71 27.14 10.71
C ALA C 90 5.16 25.78 10.21
N ASP C 91 6.27 25.71 9.47
CA ASP C 91 6.74 24.46 8.90
C ASP C 91 7.58 23.63 9.87
N THR C 92 7.95 24.18 11.02
CA THR C 92 8.74 23.41 11.97
C THR C 92 8.01 22.14 12.33
N ALA C 93 8.73 21.02 12.29
CA ALA C 93 8.07 19.73 12.51
C ALA C 93 9.12 18.62 12.45
N VAL C 94 8.67 17.41 12.78
CA VAL C 94 9.48 16.21 12.62
C VAL C 94 9.06 15.57 11.30
N TYR C 95 10.02 15.37 10.41
CA TYR C 95 9.79 14.86 9.08
C TYR C 95 10.18 13.39 9.04
N TYR C 96 9.29 12.57 8.47
CA TYR C 96 9.48 11.14 8.33
C TYR C 96 9.53 10.78 6.86
N CYS C 97 10.45 9.90 6.50
CA CYS C 97 10.49 9.30 5.18
C CYS C 97 9.94 7.89 5.28
N ALA C 98 8.87 7.60 4.54
CA ALA C 98 8.15 6.36 4.66
C ALA C 98 7.95 5.74 3.28
N ARG C 99 7.56 4.47 3.28
CA ARG C 99 7.27 3.73 2.05
C ARG C 99 5.77 3.56 1.94
N LEU C 100 5.18 4.21 0.95
CA LEU C 100 3.74 4.12 0.70
C LEU C 100 3.50 2.87 -0.15
N ARG C 101 3.10 1.79 0.50
CA ARG C 101 2.88 0.54 -0.21
C ARG C 101 1.57 0.57 -0.97
N LEU C 102 1.60 0.16 -2.22
CA LEU C 102 0.40 -0.02 -3.02
C LEU C 102 0.01 -1.48 -3.15
N GLY C 103 0.97 -2.39 -3.02
CA GLY C 103 0.69 -3.81 -3.02
C GLY C 103 0.83 -4.43 -4.40
N SER C 104 0.97 -5.75 -4.41
CA SER C 104 1.07 -6.52 -5.63
C SER C 104 -0.31 -6.67 -6.27
N LEU C 105 -0.33 -7.26 -7.47
CA LEU C 105 -1.59 -7.43 -8.19
C LEU C 105 -2.59 -8.21 -7.36
N LEU C 106 -2.16 -9.27 -6.70
CA LEU C 106 -3.07 -10.13 -5.95
C LEU C 106 -3.24 -9.70 -4.50
N HIS C 107 -2.20 -9.17 -3.88
CA HIS C 107 -2.26 -8.69 -2.50
C HIS C 107 -2.24 -7.16 -2.52
N ARG C 108 -3.26 -6.55 -1.93
CA ARG C 108 -3.41 -5.10 -1.91
C ARG C 108 -3.07 -4.58 -0.53
N TYR C 109 -1.99 -3.82 -0.45
CA TYR C 109 -1.42 -3.33 0.81
C TYR C 109 -1.34 -1.81 0.72
N ARG C 110 -2.40 -1.13 1.10
CA ARG C 110 -2.48 0.33 1.01
C ARG C 110 -2.19 0.90 2.39
N ALA C 111 -0.91 1.13 2.68
CA ALA C 111 -0.50 1.68 3.97
C ALA C 111 1.01 1.91 3.94
N VAL C 112 1.48 2.67 4.93
CA VAL C 112 2.90 2.99 5.07
C VAL C 112 3.40 2.20 6.28
N ASP C 113 3.97 1.03 6.02
CA ASP C 113 4.42 0.20 7.13
C ASP C 113 5.77 0.67 7.67
N PRO C 114 6.81 0.82 6.82
CA PRO C 114 8.10 1.25 7.36
C PRO C 114 8.25 2.76 7.42
N TRP C 115 8.60 3.27 8.60
CA TRP C 115 8.84 4.68 8.82
C TRP C 115 10.29 4.88 9.24
N GLY C 116 10.84 6.04 8.89
CA GLY C 116 12.15 6.41 9.39
C GLY C 116 12.08 6.95 10.80
N GLN C 117 13.25 7.12 11.41
CA GLN C 117 13.31 7.65 12.77
C GLN C 117 12.74 9.05 12.83
N GLY C 118 12.95 9.83 11.78
CA GLY C 118 12.44 11.19 11.72
C GLY C 118 13.51 12.20 12.10
N ILE C 119 13.43 13.37 11.48
CA ILE C 119 14.37 14.46 11.73
C ILE C 119 13.59 15.72 12.06
N LEU C 120 13.97 16.39 13.14
CA LEU C 120 13.29 17.60 13.58
C LEU C 120 13.91 18.81 12.90
N VAL C 121 13.07 19.66 12.31
CA VAL C 121 13.52 20.88 11.66
C VAL C 121 12.74 22.05 12.25
N ALA C 122 13.46 23.12 12.60
CA ALA C 122 12.90 24.36 13.11
C ALA C 122 13.39 25.52 12.26
N VAL C 123 13.11 26.73 12.72
CA VAL C 123 13.51 27.94 12.02
C VAL C 123 14.12 28.93 13.02
N SER C 124 14.85 29.90 12.49
CA SER C 124 15.50 30.90 13.33
C SER C 124 14.46 31.71 14.09
N GLU D 1 -9.89 17.32 -0.32
CA GLU D 1 -11.03 16.56 -0.91
C GLU D 1 -11.68 15.66 0.13
N ILE D 2 -11.08 14.50 0.37
CA ILE D 2 -11.59 13.58 1.38
C ILE D 2 -11.01 13.96 2.74
N VAL D 3 -11.88 14.11 3.73
CA VAL D 3 -11.48 14.47 5.08
C VAL D 3 -12.02 13.41 6.03
N LEU D 4 -11.14 12.87 6.88
CA LEU D 4 -11.52 11.89 7.88
C LEU D 4 -11.55 12.58 9.23
N THR D 5 -12.69 12.48 9.92
CA THR D 5 -12.89 13.14 11.20
C THR D 5 -13.08 12.10 12.29
N GLN D 6 -12.32 12.22 13.37
CA GLN D 6 -12.43 11.36 14.53
C GLN D 6 -13.11 12.16 15.64
N SER D 7 -14.39 11.87 15.89
CA SER D 7 -15.16 12.70 16.82
C SER D 7 -14.59 12.72 18.22
N PRO D 8 -14.27 11.58 18.84
CA PRO D 8 -13.74 11.62 20.21
C PRO D 8 -12.25 11.96 20.26
N GLY D 9 -11.92 13.15 20.74
CA GLY D 9 -10.53 13.55 20.80
C GLY D 9 -9.73 12.73 21.80
N THR D 10 -10.29 12.48 22.97
CA THR D 10 -9.61 11.74 24.02
C THR D 10 -10.59 10.78 24.67
N LEU D 11 -10.06 9.69 25.22
CA LEU D 11 -10.87 8.70 25.91
C LEU D 11 -10.21 8.31 27.22
N SER D 12 -11.03 8.02 28.23
CA SER D 12 -10.55 7.56 29.53
C SER D 12 -10.98 6.11 29.73
N LEU D 13 -10.01 5.24 29.93
CA LEU D 13 -10.26 3.80 30.08
C LEU D 13 -9.22 3.20 31.01
N SER D 14 -9.65 2.26 31.83
CA SER D 14 -8.73 1.50 32.65
C SER D 14 -8.27 0.25 31.91
N PRO D 15 -7.13 -0.31 32.28
CA PRO D 15 -6.63 -1.49 31.55
C PRO D 15 -7.63 -2.63 31.58
N GLY D 16 -7.70 -3.35 30.46
CA GLY D 16 -8.49 -4.55 30.36
C GLY D 16 -9.84 -4.39 29.67
N GLU D 17 -10.37 -3.18 29.59
CA GLU D 17 -11.66 -3.02 28.94
C GLU D 17 -11.50 -3.04 27.42
N ARG D 18 -12.62 -3.07 26.73
CA ARG D 18 -12.66 -3.00 25.28
C ARG D 18 -12.92 -1.57 24.84
N VAL D 19 -12.18 -1.12 23.83
CA VAL D 19 -12.27 0.24 23.34
C VAL D 19 -12.57 0.21 21.85
N THR D 20 -13.55 1.01 21.43
CA THR D 20 -13.92 1.16 20.03
C THR D 20 -13.63 2.60 19.61
N LEU D 21 -12.79 2.75 18.58
CA LEU D 21 -12.42 4.05 18.05
C LEU D 21 -13.03 4.22 16.67
N SER D 22 -13.69 5.34 16.45
CA SER D 22 -14.51 5.55 15.25
C SER D 22 -13.85 6.56 14.33
N CYS D 23 -13.86 6.25 13.04
CA CYS D 23 -13.38 7.16 12.00
C CYS D 23 -14.47 7.30 10.95
N ARG D 24 -14.81 8.55 10.61
CA ARG D 24 -15.86 8.86 9.66
C ARG D 24 -15.25 9.55 8.44
N ALA D 25 -15.85 9.34 7.29
CA ALA D 25 -15.39 9.91 6.03
C ALA D 25 -16.46 10.83 5.46
N SER D 26 -16.03 11.96 4.89
CA SER D 26 -16.98 12.90 4.33
C SER D 26 -17.77 12.26 3.19
N GLN D 27 -17.10 11.50 2.34
CA GLN D 27 -17.73 10.78 1.25
C GLN D 27 -17.42 9.29 1.39
N ARG D 28 -18.27 8.47 0.78
CA ARG D 28 -18.10 7.03 0.87
C ARG D 28 -16.70 6.63 0.37
N VAL D 29 -16.02 5.81 1.17
CA VAL D 29 -14.67 5.36 0.87
C VAL D 29 -14.62 3.86 1.02
N SER D 30 -13.99 3.19 0.05
CA SER D 30 -13.92 1.74 0.08
C SER D 30 -13.05 1.25 1.22
N SER D 31 -13.30 0.02 1.67
CA SER D 31 -12.62 -0.50 2.84
C SER D 31 -11.13 -0.68 2.59
N THR D 32 -10.75 -1.15 1.40
CA THR D 32 -9.35 -1.48 1.16
C THR D 32 -8.44 -0.27 1.34
N TYR D 33 -8.98 0.94 1.17
CA TYR D 33 -8.16 2.14 1.29
C TYR D 33 -7.87 2.50 2.75
N LEU D 34 -8.80 2.22 3.66
CA LEU D 34 -8.66 2.67 5.04
C LEU D 34 -7.57 1.90 5.76
N ALA D 35 -6.91 2.58 6.70
CA ALA D 35 -5.90 1.95 7.53
C ALA D 35 -5.93 2.58 8.92
N TRP D 36 -5.45 1.83 9.91
CA TRP D 36 -5.38 2.27 11.30
C TRP D 36 -3.95 2.14 11.79
N TYR D 37 -3.41 3.24 12.31
CA TYR D 37 -2.04 3.32 12.81
C TYR D 37 -2.05 3.68 14.28
N GLN D 38 -0.96 3.34 14.97
CA GLN D 38 -0.76 3.67 16.37
C GLN D 38 0.59 4.35 16.55
N GLN D 39 0.64 5.33 17.46
CA GLN D 39 1.82 6.17 17.66
C GLN D 39 2.00 6.45 19.15
N LYS D 40 3.11 6.00 19.70
CA LYS D 40 3.50 6.39 21.04
C LYS D 40 4.35 7.65 21.00
N PRO D 41 4.43 8.38 22.11
CA PRO D 41 5.25 9.60 22.12
C PRO D 41 6.71 9.28 21.82
N GLY D 42 7.32 10.13 21.00
CA GLY D 42 8.72 9.99 20.69
C GLY D 42 9.07 8.81 19.81
N GLN D 43 8.11 8.27 19.08
CA GLN D 43 8.35 7.13 18.20
C GLN D 43 7.53 7.29 16.93
N ALA D 44 8.01 6.67 15.86
CA ALA D 44 7.31 6.75 14.59
C ALA D 44 6.07 5.86 14.62
N PRO D 45 5.02 6.24 13.88
CA PRO D 45 3.81 5.40 13.85
C PRO D 45 4.10 4.01 13.31
N ARG D 46 3.39 3.03 13.85
CA ARG D 46 3.48 1.65 13.41
C ARG D 46 2.12 1.20 12.91
N LEU D 47 2.11 0.51 11.76
CA LEU D 47 0.86 0.05 11.17
C LEU D 47 0.21 -0.98 12.07
N LEU D 48 -1.08 -0.80 12.34
CA LEU D 48 -1.87 -1.77 13.08
C LEU D 48 -2.81 -2.56 12.18
N ILE D 49 -3.65 -1.88 11.40
CA ILE D 49 -4.60 -2.54 10.52
C ILE D 49 -4.51 -1.90 9.14
N TYR D 50 -4.56 -2.72 8.09
CA TYR D 50 -4.64 -2.24 6.73
C TYR D 50 -5.82 -2.93 6.04
N GLY D 51 -6.58 -2.16 5.28
CA GLY D 51 -7.80 -2.67 4.68
C GLY D 51 -9.00 -2.69 5.60
N ALA D 52 -8.87 -2.19 6.82
CA ALA D 52 -9.91 -2.09 7.84
C ALA D 52 -10.19 -3.43 8.51
N SER D 53 -9.63 -4.54 8.02
CA SER D 53 -9.86 -5.84 8.63
C SER D 53 -8.61 -6.70 8.79
N SER D 54 -7.49 -6.35 8.17
CA SER D 54 -6.31 -7.19 8.13
C SER D 54 -5.28 -6.68 9.13
N ARG D 55 -4.80 -7.58 9.99
CA ARG D 55 -3.76 -7.23 10.94
C ARG D 55 -2.40 -7.30 10.26
N ALA D 56 -1.55 -6.32 10.55
CA ALA D 56 -0.20 -6.33 10.03
C ALA D 56 0.64 -7.39 10.75
N THR D 57 1.85 -7.61 10.25
CA THR D 57 2.72 -8.61 10.84
C THR D 57 3.13 -8.18 12.24
N GLY D 58 2.99 -9.09 13.20
CA GLY D 58 3.35 -8.83 14.56
C GLY D 58 2.28 -8.18 15.41
N ILE D 59 1.16 -7.80 14.81
CA ILE D 59 0.07 -7.17 15.58
C ILE D 59 -0.68 -8.26 16.34
N PRO D 60 -0.82 -8.14 17.66
CA PRO D 60 -1.57 -9.15 18.41
C PRO D 60 -3.01 -9.24 17.93
N ASP D 61 -3.69 -10.31 18.37
CA ASP D 61 -5.06 -10.55 17.99
C ASP D 61 -6.04 -9.60 18.68
N ARG D 62 -5.59 -8.84 19.67
CA ARG D 62 -6.50 -7.93 20.37
C ARG D 62 -7.07 -6.90 19.39
N PHE D 63 -6.21 -6.31 18.56
CA PHE D 63 -6.65 -5.31 17.59
C PHE D 63 -7.51 -5.97 16.52
N SER D 64 -8.63 -5.33 16.19
CA SER D 64 -9.43 -5.76 15.06
C SER D 64 -10.14 -4.54 14.48
N GLY D 65 -10.58 -4.68 13.24
CA GLY D 65 -11.23 -3.58 12.55
C GLY D 65 -12.48 -4.03 11.84
N SER D 66 -13.39 -3.08 11.63
CA SER D 66 -14.65 -3.36 10.95
C SER D 66 -15.21 -2.05 10.42
N GLY D 67 -16.30 -2.15 9.69
CA GLY D 67 -17.02 -1.00 9.19
C GLY D 67 -16.98 -0.93 7.69
N SER D 68 -17.64 0.11 7.17
CA SER D 68 -17.74 0.32 5.72
C SER D 68 -18.28 1.72 5.49
N GLY D 69 -18.41 2.08 4.22
CA GLY D 69 -19.03 3.34 3.87
C GLY D 69 -18.35 4.50 4.56
N THR D 70 -19.14 5.25 5.33
CA THR D 70 -18.67 6.45 6.01
C THR D 70 -18.37 6.23 7.48
N ASP D 71 -18.29 4.98 7.93
CA ASP D 71 -17.99 4.70 9.33
C ASP D 71 -17.15 3.45 9.45
N PHE D 72 -15.99 3.58 10.09
CA PHE D 72 -15.11 2.45 10.39
C PHE D 72 -14.75 2.48 11.85
N THR D 73 -14.48 1.30 12.41
CA THR D 73 -14.22 1.16 13.83
C THR D 73 -13.04 0.24 14.06
N LEU D 74 -12.18 0.63 15.00
CA LEU D 74 -11.07 -0.20 15.46
C LEU D 74 -11.35 -0.58 16.91
N THR D 75 -11.44 -1.88 17.17
CA THR D 75 -11.78 -2.39 18.49
C THR D 75 -10.58 -3.12 19.08
N ILE D 76 -10.22 -2.74 20.30
CA ILE D 76 -9.20 -3.42 21.08
C ILE D 76 -9.89 -4.05 22.28
N SER D 77 -9.91 -5.39 22.32
CA SER D 77 -10.63 -6.07 23.39
C SER D 77 -9.94 -5.89 24.74
N ARG D 78 -8.63 -6.10 24.78
CA ARG D 78 -7.84 -5.97 26.01
C ARG D 78 -6.86 -4.82 25.85
N LEU D 79 -6.89 -3.88 26.80
CA LEU D 79 -6.03 -2.72 26.77
C LEU D 79 -4.87 -2.95 27.74
N GLU D 80 -3.76 -3.45 27.22
CA GLU D 80 -2.53 -3.57 27.99
C GLU D 80 -1.89 -2.19 28.14
N PRO D 81 -0.93 -2.05 29.05
CA PRO D 81 -0.29 -0.74 29.24
C PRO D 81 0.29 -0.18 27.96
N GLU D 82 0.81 -1.03 27.08
CA GLU D 82 1.40 -0.55 25.84
C GLU D 82 0.35 0.07 24.91
N ASP D 83 -0.88 -0.44 24.94
CA ASP D 83 -1.88 0.01 23.98
C ASP D 83 -2.24 1.48 24.15
N PHE D 84 -1.90 2.10 25.29
CA PHE D 84 -2.20 3.51 25.50
C PHE D 84 -1.31 4.36 24.60
N ALA D 85 -1.90 4.94 23.57
CA ALA D 85 -1.16 5.74 22.60
C ALA D 85 -2.17 6.46 21.71
N VAL D 86 -1.66 7.18 20.71
CA VAL D 86 -2.50 7.89 19.76
C VAL D 86 -2.83 6.95 18.62
N TYR D 87 -4.05 7.06 18.08
CA TYR D 87 -4.52 6.19 17.01
C TYR D 87 -5.02 7.03 15.87
N TYR D 88 -4.56 6.71 14.65
CA TYR D 88 -4.86 7.49 13.46
C TYR D 88 -5.58 6.62 12.44
N CYS D 89 -6.50 7.22 11.70
CA CYS D 89 -7.18 6.55 10.59
C CYS D 89 -6.80 7.27 9.29
N GLN D 90 -6.36 6.48 8.31
CA GLN D 90 -5.74 7.01 7.10
C GLN D 90 -6.47 6.51 5.87
N HIS D 91 -6.61 7.40 4.88
CA HIS D 91 -7.17 7.07 3.58
C HIS D 91 -6.10 7.24 2.51
N PHE D 92 -5.86 6.16 1.77
CA PHE D 92 -4.87 6.11 0.69
C PHE D 92 -5.47 5.40 -0.51
N ASP D 93 -5.25 5.97 -1.70
CA ASP D 93 -5.84 5.41 -2.92
C ASP D 93 -4.87 5.46 -4.09
N SER D 94 -3.57 5.43 -3.83
CA SER D 94 -2.52 5.63 -4.83
C SER D 94 -2.44 7.08 -5.25
N SER D 95 -3.10 7.97 -4.50
CA SER D 95 -3.18 9.39 -4.81
C SER D 95 -3.13 10.12 -3.47
N LEU D 96 -3.58 11.37 -3.45
CA LEU D 96 -3.60 12.17 -2.24
C LEU D 96 -3.91 11.31 -1.01
N LEU D 97 -3.05 11.41 -0.02
CA LEU D 97 -3.15 10.65 1.22
C LEU D 97 -3.67 11.56 2.33
N THR D 98 -4.66 11.09 3.08
CA THR D 98 -5.24 11.89 4.15
C THR D 98 -5.16 11.14 5.47
N PHE D 99 -4.91 11.88 6.54
CA PHE D 99 -4.77 11.33 7.88
C PHE D 99 -5.83 11.91 8.80
N GLY D 100 -6.23 11.14 9.79
CA GLY D 100 -7.19 11.60 10.76
C GLY D 100 -6.57 12.47 11.83
N GLY D 101 -7.43 13.14 12.60
CA GLY D 101 -6.95 13.99 13.66
C GLY D 101 -6.22 13.21 14.74
N GLY D 102 -6.76 12.06 15.11
CA GLY D 102 -6.14 11.21 16.11
C GLY D 102 -6.91 11.20 17.41
N THR D 103 -6.93 10.04 18.05
CA THR D 103 -7.56 9.87 19.36
C THR D 103 -6.55 9.30 20.33
N LYS D 104 -6.48 9.90 21.52
CA LYS D 104 -5.53 9.50 22.54
C LYS D 104 -6.23 8.65 23.58
N VAL D 105 -5.57 7.55 23.98
CA VAL D 105 -6.11 6.64 24.98
C VAL D 105 -5.36 6.87 26.27
N GLU D 106 -6.04 7.42 27.27
CA GLU D 106 -5.51 7.64 28.61
C GLU D 106 -6.51 7.12 29.62
N ILE D 107 -6.30 7.45 30.89
CA ILE D 107 -7.24 7.10 31.94
C ILE D 107 -7.96 8.36 32.43
#